data_8DXT
#
_entry.id   8DXT
#
_cell.length_a   93.609
_cell.length_b   41.954
_cell.length_c   183.029
_cell.angle_alpha   90.000
_cell.angle_beta   97.080
_cell.angle_gamma   90.000
#
_symmetry.space_group_name_H-M   'I 1 2 1'
#
loop_
_entity.id
_entity.type
_entity.pdbx_description
1 polymer 'Light chain of Fab arm of antibody GAR12'
2 polymer 'Heavy chain of Fab arm of antibody GAR12'
3 polymer 'Spike protein S1'
4 branched 2-acetamido-2-deoxy-beta-D-glucopyranose-(1-4)-[alpha-L-fucopyranose-(1-6)]2-acetamido-2-deoxy-beta-D-glucopyranose
5 water water
#
loop_
_entity_poly.entity_id
_entity_poly.type
_entity_poly.pdbx_seq_one_letter_code
_entity_poly.pdbx_strand_id
1 'polypeptide(L)'
;DIQMTQSPSTLSASVGDRVTITCRASQSIGRWLAWYQQKPGKAPKLLIYDASSLESGVPSRFSGSGFGTEFTLTISSLQP
DDFATYYCQQCDSLLTFGGGTKLEIKRTVAAPSVFIFPPSDEQLKSGTASVVCLLNNFYPREAKVQWKVDNALQSGNSQE
SVTEQDSKDSTYSLSSTLTLSKADYEKHKVYACEVTHQGLSSPVTKSFNRGECS
;
L
2 'polypeptide(L)'
;EVQLVQSGGGLVQPGGSLRLSCAASGFTFSSYAMSWVRQAPGKGLEWVLSISGSGGSTYYADSVKGRFTISIDNSKKTVY
LQMNSLRAEDTAVYYCAKSGEQQLVQAEYFHHWGQGTLVTVSSASTKGPSVFPLAPSSKSTSGGTAALGCLVKDYFPEPV
TVSWNSGALTSGVHTFPAVLQSSGLYSLSSVVTVPSSSLGTQTYICNVNHKPSNTKVDKKVEPKSCGSHHHHHH
;
H
3 'polypeptide(L)'
;TNLCPFGEVFNATRFASVYAWNRKRISNCVADYSVLYNSASFSTFKCYGVSPTKLNDLCFTNVYADSFVIRGDEVRQIAP
GQTGKIADYNYKLPDDFTGCVIAWNSNNLDSKVGGNYNYLYRLFRKSNLKPFERDISTEIYQAGSTPCNGVEGFNCYFPL
QSYGFQPTNGVGYQPYRVVVLSFELLHAPATVCGPKGSHHHHHH
;
R
#
# COMPACT_ATOMS: atom_id res chain seq x y z
N ASP A 1 9.55 16.15 6.82
CA ASP A 1 8.61 15.12 6.37
C ASP A 1 7.79 14.59 7.55
N ILE A 2 6.74 13.84 7.24
CA ILE A 2 5.97 13.11 8.24
C ILE A 2 6.37 11.65 8.16
N GLN A 3 6.87 11.10 9.26
CA GLN A 3 7.22 9.69 9.33
C GLN A 3 6.12 8.90 10.02
N MET A 4 5.84 7.70 9.51
CA MET A 4 4.90 6.78 10.11
C MET A 4 5.68 5.64 10.75
N THR A 5 5.41 5.37 12.02
CA THR A 5 6.07 4.29 12.75
C THR A 5 5.01 3.31 13.24
N GLN A 6 5.06 2.09 12.72
CA GLN A 6 4.09 1.06 13.09
C GLN A 6 4.63 0.21 14.22
N SER A 7 3.71 -0.36 14.99
CA SER A 7 4.05 -1.12 16.19
C SER A 7 2.92 -2.11 16.43
N PRO A 8 3.25 -3.39 16.74
CA PRO A 8 4.60 -3.93 16.82
C PRO A 8 5.11 -4.25 15.42
N SER A 9 6.37 -4.63 15.26
CA SER A 9 6.85 -4.94 13.93
C SER A 9 6.41 -6.33 13.48
N THR A 10 6.14 -7.24 14.41
CA THR A 10 5.63 -8.58 14.11
C THR A 10 4.64 -9.00 15.18
N LEU A 11 3.57 -9.67 14.79
CA LEU A 11 2.60 -10.14 15.76
C LEU A 11 2.15 -11.56 15.45
N SER A 12 2.04 -12.37 16.48
CA SER A 12 1.67 -13.77 16.35
C SER A 12 0.29 -13.98 16.95
N ALA A 13 -0.60 -14.57 16.17
CA ALA A 13 -1.96 -14.80 16.65
C ALA A 13 -2.53 -16.05 16.02
N SER A 14 -3.69 -16.47 16.50
CA SER A 14 -4.38 -17.66 16.01
C SER A 14 -5.71 -17.26 15.41
N VAL A 15 -6.27 -18.15 14.59
CA VAL A 15 -7.60 -17.96 14.03
C VAL A 15 -8.61 -17.77 15.16
N GLY A 16 -9.45 -16.75 15.03
CA GLY A 16 -10.42 -16.41 16.02
C GLY A 16 -10.01 -15.29 16.95
N ASP A 17 -8.70 -15.03 17.08
CA ASP A 17 -8.21 -13.99 17.96
C ASP A 17 -8.63 -12.61 17.47
N ARG A 18 -8.55 -11.63 18.36
CA ARG A 18 -8.77 -10.25 17.97
C ARG A 18 -7.44 -9.52 18.09
N VAL A 19 -7.02 -8.89 17.01
CA VAL A 19 -5.70 -8.27 16.92
C VAL A 19 -5.84 -6.75 16.82
N THR A 20 -4.77 -6.07 17.24
CA THR A 20 -4.75 -4.62 17.34
C THR A 20 -3.34 -4.16 17.00
N ILE A 21 -3.18 -3.53 15.84
CA ILE A 21 -1.88 -3.01 15.43
C ILE A 21 -1.96 -1.50 15.30
N THR A 22 -0.89 -0.84 15.69
CA THR A 22 -0.87 0.59 15.95
C THR A 22 0.04 1.26 14.93
N CYS A 23 -0.24 2.53 14.65
CA CYS A 23 0.53 3.31 13.70
C CYS A 23 0.63 4.73 14.24
N ARG A 24 1.84 5.22 14.46
CA ARG A 24 2.03 6.54 15.05
C ARG A 24 2.66 7.50 14.05
N ALA A 25 2.14 8.73 13.99
CA ALA A 25 2.60 9.72 13.03
C ALA A 25 3.42 10.79 13.73
N SER A 26 4.59 11.11 13.14
CA SER A 26 5.49 12.09 13.74
C SER A 26 4.79 13.39 14.10
N GLN A 27 3.80 13.79 13.32
CA GLN A 27 2.98 14.95 13.65
C GLN A 27 1.53 14.59 13.40
N SER A 28 0.62 15.48 13.79
CA SER A 28 -0.80 15.24 13.59
C SER A 28 -1.13 15.21 12.11
N ILE A 29 -1.83 14.18 11.68
CA ILE A 29 -2.29 14.04 10.30
C ILE A 29 -3.80 13.99 10.22
N GLY A 30 -4.47 14.42 11.28
CA GLY A 30 -5.92 14.43 11.29
C GLY A 30 -6.47 13.07 10.94
N ARG A 31 -7.32 13.05 9.93
CA ARG A 31 -7.98 11.85 9.44
C ARG A 31 -7.27 11.25 8.20
N TRP A 32 -6.13 11.83 7.79
CA TRP A 32 -5.45 11.48 6.52
C TRP A 32 -4.58 10.23 6.67
N LEU A 33 -5.25 9.08 6.70
CA LEU A 33 -4.58 7.84 7.07
C LEU A 33 -5.32 6.67 6.44
N ALA A 34 -4.57 5.67 5.99
CA ALA A 34 -5.13 4.48 5.39
C ALA A 34 -4.31 3.26 5.79
N TRP A 35 -4.94 2.09 5.76
CA TRP A 35 -4.29 0.82 6.04
C TRP A 35 -4.38 -0.09 4.83
N TYR A 36 -3.33 -0.88 4.60
CA TYR A 36 -3.26 -1.82 3.49
C TYR A 36 -2.79 -3.18 3.98
N GLN A 37 -3.12 -4.20 3.19
CA GLN A 37 -2.70 -5.57 3.43
C GLN A 37 -1.90 -6.03 2.22
N GLN A 38 -0.78 -6.71 2.46
CA GLN A 38 0.05 -7.26 1.39
C GLN A 38 0.49 -8.67 1.74
N LYS A 39 0.21 -9.59 0.86
CA LYS A 39 0.80 -10.91 0.81
C LYS A 39 2.12 -10.84 0.05
N PRO A 40 3.03 -11.76 0.31
CA PRO A 40 4.36 -11.71 -0.33
C PRO A 40 4.27 -11.81 -1.85
N GLY A 41 4.94 -10.89 -2.53
CA GLY A 41 4.96 -10.85 -3.98
C GLY A 41 3.63 -10.55 -4.66
N LYS A 42 2.71 -9.87 -3.97
CA LYS A 42 1.42 -9.51 -4.57
C LYS A 42 1.16 -8.04 -4.29
N ALA A 43 0.27 -7.44 -5.08
CA ALA A 43 -0.04 -6.03 -4.90
C ALA A 43 -0.74 -5.81 -3.56
N PRO A 44 -0.39 -4.75 -2.82
CA PRO A 44 -1.20 -4.36 -1.65
C PRO A 44 -2.68 -4.24 -1.96
N LYS A 45 -3.52 -4.26 -0.92
CA LYS A 45 -4.95 -4.05 -1.02
C LYS A 45 -5.38 -3.02 0.03
N LEU A 46 -6.17 -2.05 -0.38
CA LEU A 46 -6.63 -1.04 0.56
C LEU A 46 -7.72 -1.61 1.46
N LEU A 47 -7.62 -1.36 2.76
CA LEU A 47 -8.58 -1.86 3.74
C LEU A 47 -9.42 -0.77 4.38
N ILE A 48 -8.78 0.30 4.86
CA ILE A 48 -9.38 1.40 5.60
C ILE A 48 -8.76 2.68 5.06
N TYR A 49 -9.56 3.75 4.97
CA TYR A 49 -9.04 5.06 4.59
C TYR A 49 -9.77 6.13 5.38
N ASP A 50 -9.22 7.34 5.40
CA ASP A 50 -9.70 8.43 6.27
C ASP A 50 -9.80 7.96 7.73
N ALA A 51 -8.80 7.18 8.16
CA ALA A 51 -8.67 6.67 9.52
C ALA A 51 -9.69 5.60 9.84
N SER A 52 -10.94 5.75 9.36
CA SER A 52 -11.99 4.87 9.85
C SER A 52 -12.97 4.42 8.78
N SER A 53 -12.74 4.71 7.51
CA SER A 53 -13.70 4.29 6.48
C SER A 53 -13.29 2.94 5.91
N LEU A 54 -14.23 2.02 5.89
CA LEU A 54 -13.99 0.70 5.32
C LEU A 54 -14.10 0.78 3.80
N GLU A 55 -13.06 0.34 3.10
CA GLU A 55 -13.11 0.23 1.65
C GLU A 55 -14.16 -0.80 1.25
N SER A 56 -14.71 -0.63 0.03
CA SER A 56 -15.75 -1.51 -0.47
C SER A 56 -15.24 -2.94 -0.65
N GLY A 57 -16.05 -3.90 -0.19
CA GLY A 57 -15.70 -5.30 -0.32
C GLY A 57 -14.62 -5.77 0.62
N VAL A 58 -14.31 -4.99 1.64
CA VAL A 58 -13.41 -5.45 2.70
C VAL A 58 -14.29 -6.00 3.82
N PRO A 59 -13.96 -7.17 4.37
CA PRO A 59 -14.77 -7.76 5.45
C PRO A 59 -14.89 -6.82 6.64
N SER A 60 -16.04 -6.87 7.31
CA SER A 60 -16.31 -5.91 8.39
C SER A 60 -15.56 -6.22 9.66
N ARG A 61 -14.90 -7.37 9.76
CA ARG A 61 -14.03 -7.62 10.90
C ARG A 61 -12.90 -6.60 10.99
N PHE A 62 -12.57 -5.94 9.87
CA PHE A 62 -11.58 -4.88 9.85
C PHE A 62 -12.23 -3.56 10.27
N SER A 63 -11.61 -2.88 11.23
CA SER A 63 -12.03 -1.52 11.56
C SER A 63 -10.80 -0.67 11.82
N GLY A 64 -10.97 0.63 11.69
CA GLY A 64 -9.90 1.58 11.96
C GLY A 64 -10.39 2.70 12.84
N SER A 65 -9.44 3.28 13.59
CA SER A 65 -9.80 4.31 14.54
C SER A 65 -8.57 5.14 14.80
N GLY A 66 -8.80 6.34 15.30
CA GLY A 66 -7.73 7.28 15.55
C GLY A 66 -7.91 8.57 14.78
N PHE A 67 -7.36 9.66 15.31
CA PHE A 67 -7.40 10.96 14.70
C PHE A 67 -6.20 11.71 15.23
N GLY A 68 -5.40 12.28 14.34
CA GLY A 68 -4.22 13.01 14.79
C GLY A 68 -2.92 12.27 14.61
N THR A 69 -2.43 11.65 15.69
CA THR A 69 -1.13 10.97 15.65
C THR A 69 -1.21 9.46 15.86
N GLU A 70 -2.19 8.95 16.60
CA GLU A 70 -2.23 7.55 17.00
C GLU A 70 -3.40 6.85 16.33
N PHE A 71 -3.10 5.85 15.52
CA PHE A 71 -4.09 5.14 14.75
C PHE A 71 -3.99 3.65 15.04
N THR A 72 -5.11 2.96 14.86
CA THR A 72 -5.26 1.56 15.23
C THR A 72 -6.05 0.86 14.16
N LEU A 73 -5.59 -0.31 13.75
CA LEU A 73 -6.37 -1.24 12.96
C LEU A 73 -6.72 -2.45 13.81
N THR A 74 -7.96 -2.90 13.73
CA THR A 74 -8.50 -3.94 14.58
C THR A 74 -9.15 -4.98 13.68
N ILE A 75 -8.70 -6.23 13.78
CA ILE A 75 -9.39 -7.35 13.17
C ILE A 75 -10.12 -8.09 14.28
N SER A 76 -11.45 -8.13 14.18
CA SER A 76 -12.29 -8.79 15.17
C SER A 76 -12.57 -10.21 14.68
N SER A 77 -12.02 -11.19 15.39
CA SER A 77 -12.04 -12.60 14.98
C SER A 77 -11.23 -12.80 13.70
N LEU A 78 -9.97 -13.18 13.89
CA LEU A 78 -9.01 -13.39 12.81
C LEU A 78 -9.39 -14.59 11.96
N GLN A 79 -8.94 -14.58 10.69
CA GLN A 79 -9.16 -15.69 9.77
C GLN A 79 -7.88 -16.00 9.00
N PRO A 80 -7.79 -17.16 8.33
CA PRO A 80 -6.52 -17.52 7.66
C PRO A 80 -6.01 -16.47 6.70
N ASP A 81 -6.84 -16.05 5.75
CA ASP A 81 -6.45 -15.06 4.75
C ASP A 81 -5.83 -13.80 5.39
N ASP A 82 -6.14 -13.53 6.66
CA ASP A 82 -5.66 -12.30 7.26
C ASP A 82 -4.17 -12.31 7.58
N PHE A 83 -3.51 -13.46 7.57
CA PHE A 83 -2.09 -13.51 7.90
C PHE A 83 -1.29 -12.92 6.75
N ALA A 84 -0.60 -11.81 7.02
CA ALA A 84 -0.10 -10.91 6.00
C ALA A 84 0.78 -9.86 6.67
N THR A 85 1.38 -8.99 5.85
CA THR A 85 1.99 -7.77 6.33
C THR A 85 0.99 -6.62 6.13
N TYR A 86 0.95 -5.69 7.09
CA TYR A 86 0.03 -4.57 7.06
C TYR A 86 0.81 -3.26 7.11
N TYR A 87 0.43 -2.32 6.25
CA TYR A 87 1.06 -1.00 6.21
C TYR A 87 0.00 0.07 6.44
N CYS A 88 0.33 1.05 7.27
CA CYS A 88 -0.45 2.29 7.30
C CYS A 88 0.20 3.31 6.37
N GLN A 89 -0.56 4.36 6.03
CA GLN A 89 -0.11 5.35 5.04
C GLN A 89 -0.79 6.69 5.31
N GLN A 90 -0.01 7.77 5.25
CA GLN A 90 -0.57 9.11 5.40
C GLN A 90 -0.51 9.91 4.10
N CYS A 91 -1.47 10.82 3.94
CA CYS A 91 -1.50 11.68 2.75
C CYS A 91 -1.69 13.14 3.16
N ASP A 92 -1.23 13.51 4.36
CA ASP A 92 -1.34 14.87 4.84
C ASP A 92 -0.22 15.76 4.31
N SER A 93 0.93 15.15 4.04
CA SER A 93 2.09 15.87 3.53
C SER A 93 2.82 14.86 2.64
N LEU A 94 2.61 14.98 1.33
CA LEU A 94 3.08 13.97 0.38
C LEU A 94 2.51 12.63 0.82
N LEU A 95 3.09 11.51 0.38
CA LEU A 95 2.53 10.20 0.69
C LEU A 95 3.64 9.29 1.16
N THR A 96 3.65 8.99 2.46
CA THR A 96 4.61 8.09 3.06
C THR A 96 3.90 6.94 3.74
N PHE A 97 4.61 5.82 3.84
CA PHE A 97 4.14 4.59 4.44
C PHE A 97 4.85 4.35 5.77
N GLY A 98 4.24 3.52 6.61
CA GLY A 98 4.92 2.94 7.74
C GLY A 98 5.69 1.69 7.35
N GLY A 99 6.66 1.34 8.20
CA GLY A 99 7.51 0.19 7.95
C GLY A 99 6.77 -1.12 7.84
N GLY A 100 5.57 -1.21 8.37
CA GLY A 100 4.82 -2.45 8.23
C GLY A 100 4.84 -3.28 9.50
N THR A 101 3.76 -4.05 9.69
CA THR A 101 3.64 -5.03 10.76
C THR A 101 3.31 -6.39 10.15
N LYS A 102 4.13 -7.39 10.41
CA LYS A 102 3.85 -8.74 9.92
C LYS A 102 2.96 -9.46 10.92
N LEU A 103 1.94 -10.14 10.42
CA LEU A 103 1.00 -10.89 11.23
C LEU A 103 1.19 -12.37 10.87
N GLU A 104 1.71 -13.15 11.82
CA GLU A 104 2.14 -14.51 11.58
C GLU A 104 1.31 -15.47 12.42
N ILE A 105 1.37 -16.75 12.06
CA ILE A 105 0.60 -17.80 12.71
C ILE A 105 1.30 -18.23 13.99
N LYS A 106 0.57 -18.19 15.10
CA LYS A 106 1.08 -18.72 16.35
C LYS A 106 0.98 -20.24 16.36
N ARG A 107 2.06 -20.91 16.79
CA ARG A 107 2.11 -22.36 16.85
C ARG A 107 2.93 -22.73 18.08
N THR A 108 3.02 -24.02 18.39
CA THR A 108 3.78 -24.41 19.57
C THR A 108 5.28 -24.27 19.31
N VAL A 109 6.02 -23.97 20.37
CA VAL A 109 7.45 -23.69 20.24
C VAL A 109 8.20 -24.94 19.79
N ALA A 110 9.01 -24.80 18.75
CA ALA A 110 9.82 -25.90 18.23
C ALA A 110 11.24 -25.42 18.03
N ALA A 111 12.19 -26.26 18.39
CA ALA A 111 13.61 -25.98 18.20
C ALA A 111 14.07 -26.38 16.80
N PRO A 112 15.08 -25.69 16.26
CA PRO A 112 15.62 -26.06 14.94
C PRO A 112 16.55 -27.25 15.04
N SER A 113 16.45 -28.15 14.06
CA SER A 113 17.52 -29.14 13.84
C SER A 113 18.67 -28.42 13.13
N VAL A 114 19.80 -28.31 13.80
CA VAL A 114 20.94 -27.53 13.29
C VAL A 114 21.90 -28.46 12.56
N PHE A 115 22.12 -28.20 11.27
CA PHE A 115 23.04 -28.97 10.44
C PHE A 115 24.13 -28.08 9.89
N ILE A 116 25.34 -28.63 9.76
CA ILE A 116 26.47 -27.93 9.18
C ILE A 116 26.98 -28.72 7.97
N PHE A 117 27.35 -27.98 6.92
CA PHE A 117 27.78 -28.56 5.65
C PHE A 117 29.14 -27.96 5.28
N PRO A 118 30.18 -28.75 5.17
CA PRO A 118 31.46 -28.22 4.68
C PRO A 118 31.39 -27.89 3.20
N PRO A 119 32.33 -27.09 2.68
CA PRO A 119 32.36 -26.84 1.24
C PRO A 119 32.85 -28.07 0.49
N SER A 120 32.20 -28.35 -0.63
CA SER A 120 32.57 -29.47 -1.48
C SER A 120 33.95 -29.29 -2.11
N ASP A 121 34.58 -30.41 -2.45
CA ASP A 121 35.85 -30.34 -3.18
C ASP A 121 35.67 -29.67 -4.53
N GLU A 122 34.55 -29.93 -5.20
CA GLU A 122 34.29 -29.32 -6.50
C GLU A 122 34.42 -27.80 -6.42
N GLN A 123 33.71 -27.19 -5.46
CA GLN A 123 33.76 -25.74 -5.27
C GLN A 123 35.13 -25.28 -4.79
N LEU A 124 35.84 -26.12 -4.01
CA LEU A 124 37.16 -25.70 -3.54
C LEU A 124 38.13 -25.58 -4.70
N LYS A 125 37.87 -26.29 -5.80
CA LYS A 125 38.61 -26.04 -7.04
C LYS A 125 38.26 -24.66 -7.61
N SER A 126 37.02 -24.22 -7.47
CA SER A 126 36.68 -22.88 -7.93
C SER A 126 37.50 -21.76 -7.28
N GLY A 127 38.10 -21.99 -6.13
CA GLY A 127 38.82 -20.95 -5.45
C GLY A 127 38.09 -20.30 -4.28
N THR A 128 36.87 -20.73 -3.98
CA THR A 128 36.13 -20.24 -2.82
C THR A 128 35.49 -21.39 -2.06
N ALA A 129 35.08 -21.10 -0.83
CA ALA A 129 34.60 -22.10 0.11
C ALA A 129 33.34 -21.57 0.76
N SER A 130 32.20 -22.21 0.49
CA SER A 130 30.91 -21.88 1.08
C SER A 130 30.56 -22.94 2.14
N VAL A 131 30.58 -22.55 3.41
CA VAL A 131 30.15 -23.43 4.49
C VAL A 131 28.75 -23.00 4.90
N VAL A 132 27.86 -23.98 5.07
CA VAL A 132 26.44 -23.72 5.23
C VAL A 132 25.97 -24.30 6.55
N CYS A 133 25.40 -23.45 7.40
CA CYS A 133 24.70 -23.88 8.60
C CYS A 133 23.21 -23.82 8.32
N LEU A 134 22.51 -24.94 8.57
CA LEU A 134 21.07 -25.02 8.34
C LEU A 134 20.34 -25.20 9.67
N LEU A 135 19.25 -24.45 9.83
CA LEU A 135 18.33 -24.55 10.96
C LEU A 135 16.95 -24.84 10.39
N ASN A 136 16.36 -25.99 10.72
CA ASN A 136 15.19 -26.44 9.98
C ASN A 136 13.97 -26.61 10.87
N ASN A 137 12.86 -25.98 10.48
CA ASN A 137 11.55 -26.20 11.09
C ASN A 137 11.49 -25.80 12.56
N PHE A 138 11.81 -24.54 12.82
CA PHE A 138 11.80 -23.98 14.14
C PHE A 138 10.73 -22.90 14.27
N TYR A 139 10.32 -22.68 15.51
CA TYR A 139 9.41 -21.60 15.83
C TYR A 139 9.61 -21.23 17.29
N PRO A 140 9.67 -19.93 17.63
CA PRO A 140 9.45 -18.79 16.74
C PRO A 140 10.57 -18.49 15.72
N ARG A 141 10.35 -17.46 14.92
CA ARG A 141 11.26 -17.13 13.83
C ARG A 141 12.60 -16.61 14.33
N GLU A 142 12.61 -15.95 15.49
CA GLU A 142 13.82 -15.33 15.99
C GLU A 142 14.85 -16.40 16.35
N ALA A 143 16.06 -16.23 15.83
CA ALA A 143 17.16 -17.14 16.13
C ALA A 143 18.45 -16.47 15.71
N LYS A 144 19.49 -16.62 16.53
CA LYS A 144 20.77 -15.98 16.28
C LYS A 144 21.80 -17.04 15.94
N VAL A 145 22.44 -16.90 14.79
CA VAL A 145 23.51 -17.78 14.35
C VAL A 145 24.78 -16.96 14.23
N GLN A 146 25.89 -17.50 14.71
CA GLN A 146 27.17 -16.85 14.50
C GLN A 146 28.24 -17.89 14.22
N TRP A 147 29.15 -17.56 13.32
CA TRP A 147 30.23 -18.44 12.91
C TRP A 147 31.48 -18.14 13.74
N LYS A 148 32.27 -19.18 13.99
CA LYS A 148 33.57 -19.03 14.63
C LYS A 148 34.54 -19.98 13.94
N VAL A 149 35.48 -19.41 13.19
CA VAL A 149 36.55 -20.17 12.56
C VAL A 149 37.72 -20.21 13.54
N ASP A 150 38.02 -21.40 14.07
CA ASP A 150 39.03 -21.55 15.14
C ASP A 150 38.66 -20.70 16.35
N ASN A 151 37.37 -20.69 16.68
CA ASN A 151 36.81 -19.90 17.79
C ASN A 151 37.14 -18.41 17.64
N ALA A 152 37.09 -17.93 16.41
CA ALA A 152 37.18 -16.50 16.14
C ALA A 152 35.76 -15.97 15.95
N LEU A 153 35.62 -14.85 15.26
CA LEU A 153 34.36 -14.11 15.30
C LEU A 153 33.60 -14.12 13.99
N GLN A 154 34.26 -13.85 12.86
CA GLN A 154 33.64 -13.84 11.54
C GLN A 154 32.60 -12.74 11.46
N SER A 155 32.87 -11.76 10.59
CA SER A 155 32.08 -10.55 10.47
C SER A 155 32.05 -10.10 9.02
N GLY A 156 30.84 -9.85 8.52
CA GLY A 156 30.65 -9.44 7.14
C GLY A 156 30.90 -10.53 6.13
N ASN A 157 31.12 -11.77 6.56
N ASN A 157 31.11 -11.77 6.57
CA ASN A 157 31.35 -12.88 5.66
CA ASN A 157 31.37 -12.89 5.68
C ASN A 157 30.21 -13.88 5.62
C ASN A 157 30.21 -13.88 5.62
N SER A 158 29.12 -13.61 6.33
CA SER A 158 27.99 -14.53 6.41
C SER A 158 26.74 -13.83 5.90
N GLN A 159 25.82 -14.62 5.35
CA GLN A 159 24.51 -14.13 4.93
C GLN A 159 23.49 -15.22 5.20
N GLU A 160 22.33 -14.80 5.73
CA GLU A 160 21.25 -15.70 6.10
C GLU A 160 20.04 -15.53 5.19
N SER A 161 19.21 -16.58 5.15
CA SER A 161 17.99 -16.60 4.37
C SER A 161 16.98 -17.43 5.11
N VAL A 162 15.73 -16.99 5.14
CA VAL A 162 14.72 -17.64 5.95
C VAL A 162 13.49 -17.89 5.09
N THR A 163 12.98 -19.12 5.13
CA THR A 163 11.75 -19.39 4.42
C THR A 163 10.60 -18.62 5.04
N GLU A 164 9.48 -18.60 4.33
CA GLU A 164 8.27 -18.09 4.95
C GLU A 164 7.66 -19.18 5.82
N GLN A 165 6.72 -18.76 6.66
CA GLN A 165 6.02 -19.69 7.54
C GLN A 165 5.33 -20.78 6.71
N ASP A 166 5.80 -22.02 6.83
CA ASP A 166 5.18 -23.17 6.16
C ASP A 166 3.67 -23.21 6.43
N SER A 167 2.93 -23.87 5.55
CA SER A 167 1.50 -24.08 5.79
C SER A 167 1.23 -25.39 6.52
N LYS A 168 2.07 -26.40 6.28
CA LYS A 168 1.93 -27.67 6.98
C LYS A 168 2.13 -27.47 8.48
N ASP A 169 3.38 -27.28 8.91
CA ASP A 169 3.72 -27.18 10.33
C ASP A 169 3.86 -25.74 10.82
N SER A 170 3.74 -24.76 9.94
CA SER A 170 3.85 -23.35 10.28
C SER A 170 5.23 -22.95 10.83
N THR A 171 6.26 -23.75 10.60
CA THR A 171 7.57 -23.37 11.10
C THR A 171 8.31 -22.47 10.10
N TYR A 172 9.53 -22.13 10.45
CA TYR A 172 10.50 -21.48 9.58
C TYR A 172 11.72 -22.37 9.44
N SER A 173 12.46 -22.18 8.36
CA SER A 173 13.80 -22.73 8.25
C SER A 173 14.73 -21.61 7.83
N LEU A 174 16.03 -21.77 8.13
CA LEU A 174 16.97 -20.70 7.84
C LEU A 174 18.30 -21.30 7.40
N SER A 175 18.96 -20.61 6.48
CA SER A 175 20.31 -20.95 6.07
C SER A 175 21.22 -19.76 6.36
N SER A 176 22.39 -20.05 6.91
CA SER A 176 23.47 -19.09 7.06
C SER A 176 24.68 -19.60 6.29
N THR A 177 25.10 -18.86 5.27
CA THR A 177 26.21 -19.28 4.44
C THR A 177 27.42 -18.42 4.76
N LEU A 178 28.57 -19.06 4.92
CA LEU A 178 29.84 -18.41 5.21
C LEU A 178 30.75 -18.62 4.02
N THR A 179 31.11 -17.53 3.33
CA THR A 179 31.96 -17.59 2.15
C THR A 179 33.35 -17.08 2.50
N LEU A 180 34.36 -17.95 2.41
CA LEU A 180 35.75 -17.59 2.62
C LEU A 180 36.58 -18.04 1.43
N SER A 181 37.75 -17.43 1.28
CA SER A 181 38.67 -17.87 0.25
C SER A 181 39.27 -19.22 0.63
N LYS A 182 39.69 -19.98 -0.39
CA LYS A 182 40.31 -21.26 -0.11
C LYS A 182 41.60 -21.09 0.68
N ALA A 183 42.28 -19.96 0.52
CA ALA A 183 43.48 -19.69 1.30
C ALA A 183 43.16 -19.59 2.79
N ASP A 184 42.20 -18.73 3.14
CA ASP A 184 41.78 -18.62 4.54
C ASP A 184 41.13 -19.90 5.01
N TYR A 185 40.32 -20.54 4.16
CA TYR A 185 39.67 -21.78 4.55
C TYR A 185 40.69 -22.84 4.92
N GLU A 186 41.73 -23.00 4.09
CA GLU A 186 42.80 -23.96 4.35
C GLU A 186 43.76 -23.49 5.43
N LYS A 187 43.63 -22.26 5.92
CA LYS A 187 44.50 -21.70 6.96
C LYS A 187 43.95 -21.88 8.37
N HIS A 188 42.79 -22.51 8.53
CA HIS A 188 42.28 -22.88 9.85
C HIS A 188 41.56 -24.21 9.74
N LYS A 189 41.22 -24.79 10.90
CA LYS A 189 40.61 -26.12 10.93
C LYS A 189 39.34 -26.23 11.75
N VAL A 190 38.97 -25.22 12.54
CA VAL A 190 37.82 -25.34 13.44
C VAL A 190 36.73 -24.42 12.90
N TYR A 191 35.75 -24.99 12.23
CA TYR A 191 34.60 -24.25 11.70
C TYR A 191 33.35 -24.68 12.44
N ALA A 192 32.66 -23.72 13.04
CA ALA A 192 31.48 -23.98 13.84
C ALA A 192 30.47 -22.88 13.62
N CYS A 193 29.19 -23.24 13.72
CA CYS A 193 28.10 -22.28 13.78
C CYS A 193 27.34 -22.52 15.07
N GLU A 194 27.16 -21.47 15.86
CA GLU A 194 26.49 -21.54 17.14
C GLU A 194 25.11 -20.90 17.02
N VAL A 195 24.08 -21.65 17.42
CA VAL A 195 22.70 -21.23 17.27
C VAL A 195 22.08 -21.09 18.65
N THR A 196 21.40 -19.96 18.89
CA THR A 196 20.56 -19.78 20.06
C THR A 196 19.15 -19.44 19.61
N HIS A 197 18.17 -20.07 20.27
CA HIS A 197 16.76 -19.93 19.92
C HIS A 197 15.94 -20.45 21.09
N GLN A 198 14.69 -19.97 21.19
CA GLN A 198 13.90 -20.14 22.41
C GLN A 198 13.57 -21.61 22.68
N GLY A 199 13.48 -22.43 21.66
CA GLY A 199 13.27 -23.84 21.87
C GLY A 199 14.47 -24.60 22.39
N LEU A 200 15.56 -23.90 22.68
CA LEU A 200 16.81 -24.50 23.16
C LEU A 200 17.09 -24.04 24.58
N SER A 201 17.35 -24.99 25.47
CA SER A 201 17.80 -24.65 26.82
C SER A 201 19.13 -23.93 26.77
N SER A 202 20.11 -24.51 26.05
CA SER A 202 21.42 -23.94 25.83
C SER A 202 21.73 -23.96 24.33
N PRO A 203 22.42 -22.94 23.83
CA PRO A 203 22.70 -22.86 22.39
C PRO A 203 23.41 -24.10 21.86
N VAL A 204 22.93 -24.62 20.72
CA VAL A 204 23.50 -25.80 20.08
C VAL A 204 24.44 -25.33 18.97
N THR A 205 25.72 -25.62 19.13
CA THR A 205 26.73 -25.31 18.13
C THR A 205 27.06 -26.58 17.36
N LYS A 206 27.04 -26.47 16.02
CA LYS A 206 27.40 -27.58 15.15
C LYS A 206 28.67 -27.22 14.41
N SER A 207 29.59 -28.18 14.31
CA SER A 207 30.95 -27.87 13.91
C SER A 207 31.54 -29.05 13.12
N PHE A 208 32.69 -28.78 12.51
CA PHE A 208 33.51 -29.81 11.89
C PHE A 208 34.93 -29.30 11.84
N ASN A 209 35.86 -30.20 11.55
CA ASN A 209 37.26 -29.82 11.36
C ASN A 209 37.71 -30.31 9.99
N ARG A 210 38.12 -29.37 9.14
CA ARG A 210 38.31 -29.63 7.72
C ARG A 210 39.36 -30.73 7.51
N GLY A 211 39.21 -31.45 6.39
CA GLY A 211 40.09 -32.55 6.09
C GLY A 211 39.58 -33.89 6.61
N GLU B 1 -15.32 -4.11 -14.75
CA GLU B 1 -14.51 -3.97 -13.54
C GLU B 1 -13.27 -3.11 -13.78
N VAL B 2 -12.81 -2.39 -12.74
CA VAL B 2 -11.57 -1.62 -12.84
C VAL B 2 -10.40 -2.55 -13.12
N GLN B 3 -9.62 -2.23 -14.15
CA GLN B 3 -8.41 -2.99 -14.43
C GLN B 3 -7.26 -2.03 -14.68
N LEU B 4 -6.09 -2.41 -14.18
CA LEU B 4 -4.83 -1.72 -14.43
C LEU B 4 -3.87 -2.78 -14.93
N VAL B 5 -3.47 -2.66 -16.20
CA VAL B 5 -2.62 -3.66 -16.82
C VAL B 5 -1.29 -3.00 -17.14
N GLN B 6 -0.22 -3.56 -16.58
CA GLN B 6 1.10 -2.98 -16.64
C GLN B 6 1.93 -3.67 -17.70
N SER B 7 2.75 -2.89 -18.39
CA SER B 7 3.60 -3.42 -19.43
C SER B 7 4.96 -2.76 -19.33
N GLY B 8 5.96 -3.39 -19.96
CA GLY B 8 7.33 -2.89 -19.90
C GLY B 8 8.09 -3.45 -18.72
N GLY B 9 9.25 -2.85 -18.46
CA GLY B 9 10.11 -3.31 -17.38
C GLY B 9 11.18 -4.27 -17.86
N GLY B 10 11.90 -4.82 -16.89
CA GLY B 10 12.97 -5.76 -17.20
C GLY B 10 14.33 -5.25 -16.82
N LEU B 11 15.39 -5.86 -17.36
CA LEU B 11 16.76 -5.57 -16.95
C LEU B 11 17.28 -4.37 -17.71
N VAL B 12 17.91 -3.44 -16.99
CA VAL B 12 18.48 -2.25 -17.61
C VAL B 12 19.84 -1.98 -16.97
N GLN B 13 20.80 -1.54 -17.80
CA GLN B 13 22.12 -1.19 -17.32
C GLN B 13 22.05 0.04 -16.42
N PRO B 14 22.89 0.10 -15.39
CA PRO B 14 22.91 1.28 -14.50
C PRO B 14 23.12 2.56 -15.30
N GLY B 15 22.46 3.63 -14.87
CA GLY B 15 22.44 4.87 -15.63
C GLY B 15 21.55 4.86 -16.86
N GLY B 16 20.90 3.75 -17.17
CA GLY B 16 20.07 3.64 -18.34
C GLY B 16 18.68 4.22 -18.14
N SER B 17 17.86 4.02 -19.16
CA SER B 17 16.50 4.51 -19.18
C SER B 17 15.53 3.38 -19.47
N LEU B 18 14.29 3.54 -18.99
CA LEU B 18 13.25 2.56 -19.21
C LEU B 18 11.92 3.25 -19.01
N ARG B 19 10.91 2.87 -19.80
CA ARG B 19 9.56 3.41 -19.65
C ARG B 19 8.57 2.28 -19.35
N LEU B 20 7.71 2.48 -18.35
CA LEU B 20 6.66 1.55 -17.96
C LEU B 20 5.30 2.09 -18.38
N SER B 21 4.40 1.17 -18.72
CA SER B 21 3.05 1.49 -19.15
C SER B 21 2.07 0.95 -18.11
N CYS B 22 0.93 1.62 -18.02
CA CYS B 22 -0.19 1.11 -17.21
C CYS B 22 -1.47 1.42 -17.96
N ALA B 23 -2.11 0.38 -18.47
CA ALA B 23 -3.27 0.50 -19.33
C ALA B 23 -4.53 0.34 -18.49
N ALA B 24 -5.32 1.40 -18.43
CA ALA B 24 -6.49 1.46 -17.56
C ALA B 24 -7.77 1.13 -18.36
N SER B 25 -8.68 0.40 -17.73
CA SER B 25 -10.02 0.25 -18.28
C SER B 25 -11.01 0.16 -17.13
N GLY B 26 -12.29 0.27 -17.47
CA GLY B 26 -13.34 0.03 -16.51
C GLY B 26 -13.65 1.18 -15.58
N PHE B 27 -13.21 2.40 -15.92
CA PHE B 27 -13.58 3.58 -15.15
C PHE B 27 -13.25 4.78 -16.01
N THR B 28 -13.71 5.96 -15.57
CA THR B 28 -13.49 7.19 -16.32
C THR B 28 -12.08 7.68 -16.05
N PHE B 29 -11.22 7.57 -17.08
CA PHE B 29 -9.78 7.74 -16.89
C PHE B 29 -9.44 9.10 -16.28
N SER B 30 -10.13 10.16 -16.69
CA SER B 30 -9.75 11.48 -16.18
C SER B 30 -10.38 11.82 -14.84
N SER B 31 -11.11 10.90 -14.21
CA SER B 31 -11.77 11.21 -12.97
C SER B 31 -10.95 10.85 -11.73
N TYR B 32 -9.68 10.48 -11.90
CA TYR B 32 -8.92 9.95 -10.78
C TYR B 32 -7.44 10.26 -10.94
N ALA B 33 -6.83 10.83 -9.91
CA ALA B 33 -5.37 10.92 -9.85
C ALA B 33 -4.75 9.52 -9.93
N MET B 34 -3.69 9.40 -10.75
CA MET B 34 -2.95 8.15 -10.92
C MET B 34 -1.53 8.22 -10.34
N SER B 35 -1.04 7.09 -9.82
CA SER B 35 0.23 7.09 -9.10
C SER B 35 1.06 5.85 -9.44
N TRP B 36 2.36 5.93 -9.13
CA TRP B 36 3.25 4.77 -9.08
C TRP B 36 3.81 4.59 -7.66
N VAL B 37 3.86 3.34 -7.23
CA VAL B 37 4.44 2.93 -5.96
C VAL B 37 5.41 1.79 -6.23
N ARG B 38 6.56 1.80 -5.57
CA ARG B 38 7.51 0.73 -5.78
C ARG B 38 7.90 0.03 -4.47
N GLN B 39 8.40 -1.19 -4.61
CA GLN B 39 8.79 -2.03 -3.50
C GLN B 39 10.12 -2.67 -3.86
N ALA B 40 11.19 -2.25 -3.17
CA ALA B 40 12.50 -2.82 -3.46
C ALA B 40 12.59 -4.21 -2.84
N PRO B 41 13.42 -5.13 -3.42
CA PRO B 41 13.41 -6.52 -2.95
C PRO B 41 13.53 -6.60 -1.44
N GLY B 42 12.58 -7.29 -0.81
CA GLY B 42 12.58 -7.44 0.63
C GLY B 42 12.38 -6.18 1.45
N LYS B 43 11.81 -5.10 0.89
CA LYS B 43 11.54 -3.88 1.68
C LYS B 43 10.03 -3.61 1.57
N GLY B 44 9.55 -2.52 2.19
CA GLY B 44 8.16 -2.12 2.09
C GLY B 44 7.96 -1.15 0.94
N LEU B 45 6.93 -0.31 1.06
CA LEU B 45 6.36 0.41 -0.08
C LEU B 45 6.83 1.86 -0.10
N GLU B 46 7.13 2.35 -1.30
CA GLU B 46 7.62 3.70 -1.49
C GLU B 46 6.84 4.36 -2.61
N TRP B 47 6.11 5.43 -2.28
CA TRP B 47 5.44 6.22 -3.31
C TRP B 47 6.49 7.02 -4.07
N VAL B 48 6.34 7.12 -5.39
CA VAL B 48 7.38 7.79 -6.15
C VAL B 48 6.84 8.96 -6.97
N LEU B 49 5.63 8.84 -7.53
CA LEU B 49 5.12 9.82 -8.48
C LEU B 49 3.59 9.78 -8.51
N SER B 50 3.00 10.92 -8.89
CA SER B 50 1.56 11.01 -9.16
C SER B 50 1.27 12.05 -10.24
N ILE B 51 0.08 11.93 -10.86
CA ILE B 51 -0.43 12.90 -11.82
C ILE B 51 -1.94 13.00 -11.65
N SER B 52 -2.47 14.23 -11.75
CA SER B 52 -3.88 14.52 -11.62
C SER B 52 -4.68 13.97 -12.80
N GLY B 53 -6.01 13.88 -12.59
CA GLY B 53 -6.89 13.37 -13.63
C GLY B 53 -6.81 14.16 -14.92
N SER B 54 -6.58 15.47 -14.83
CA SER B 54 -6.47 16.32 -16.00
C SER B 54 -5.08 16.34 -16.61
N GLY B 55 -4.09 15.71 -15.97
CA GLY B 55 -2.71 15.78 -16.40
C GLY B 55 -1.97 17.04 -15.97
N GLY B 56 -2.65 17.99 -15.36
CA GLY B 56 -2.09 19.30 -15.10
C GLY B 56 -1.37 19.48 -13.78
N SER B 57 -1.24 18.42 -12.97
CA SER B 57 -0.53 18.49 -11.70
C SER B 57 0.24 17.20 -11.53
N THR B 58 1.56 17.31 -11.41
CA THR B 58 2.41 16.14 -11.14
C THR B 58 3.13 16.34 -9.82
N TYR B 59 3.32 15.24 -9.11
CA TYR B 59 3.93 15.25 -7.79
C TYR B 59 5.01 14.16 -7.74
N TYR B 60 6.22 14.54 -7.34
CA TYR B 60 7.37 13.66 -7.33
C TYR B 60 7.92 13.48 -5.91
N ALA B 61 8.44 12.29 -5.63
CA ALA B 61 9.24 12.05 -4.44
C ALA B 61 10.71 12.33 -4.76
N ASP B 62 11.42 12.88 -3.76
CA ASP B 62 12.75 13.44 -4.01
C ASP B 62 13.74 12.39 -4.52
N SER B 63 13.54 11.13 -4.15
CA SER B 63 14.46 10.10 -4.60
C SER B 63 14.40 9.87 -6.10
N VAL B 64 13.36 10.37 -6.77
CA VAL B 64 13.23 10.27 -8.21
C VAL B 64 13.09 11.62 -8.90
N LYS B 65 13.06 12.72 -8.13
CA LYS B 65 12.84 14.03 -8.70
C LYS B 65 13.99 14.41 -9.64
N GLY B 66 13.65 14.74 -10.89
CA GLY B 66 14.63 15.03 -11.91
C GLY B 66 14.99 13.86 -12.79
N ARG B 67 14.74 12.63 -12.35
CA ARG B 67 15.09 11.47 -13.16
C ARG B 67 13.88 10.75 -13.74
N PHE B 68 12.75 10.78 -13.05
CA PHE B 68 11.54 10.08 -13.45
C PHE B 68 10.48 11.07 -13.90
N THR B 69 9.65 10.64 -14.84
CA THR B 69 8.62 11.48 -15.43
C THR B 69 7.34 10.66 -15.54
N ILE B 70 6.20 11.27 -15.22
CA ILE B 70 4.91 10.62 -15.34
C ILE B 70 4.09 11.38 -16.37
N SER B 71 3.32 10.64 -17.17
CA SER B 71 2.67 11.22 -18.32
C SER B 71 1.42 10.42 -18.66
N ILE B 72 0.55 11.06 -19.45
CA ILE B 72 -0.83 10.65 -19.65
C ILE B 72 -1.12 10.58 -21.15
N ASP B 73 -1.77 9.52 -21.60
CA ASP B 73 -2.32 9.45 -22.96
C ASP B 73 -3.79 9.08 -22.84
N ASN B 74 -4.67 10.06 -22.94
CA ASN B 74 -6.07 9.81 -22.64
C ASN B 74 -6.71 8.90 -23.68
N SER B 75 -6.30 9.00 -24.95
CA SER B 75 -6.94 8.19 -25.97
C SER B 75 -6.64 6.72 -25.73
N LYS B 76 -5.49 6.40 -25.12
CA LYS B 76 -5.14 5.04 -24.77
C LYS B 76 -5.44 4.70 -23.31
N LYS B 77 -5.98 5.64 -22.54
CA LYS B 77 -6.20 5.45 -21.10
C LYS B 77 -4.96 4.85 -20.44
N THR B 78 -3.82 5.50 -20.65
CA THR B 78 -2.54 4.93 -20.24
C THR B 78 -1.74 5.95 -19.44
N VAL B 79 -1.06 5.43 -18.42
CA VAL B 79 -0.12 6.18 -17.60
C VAL B 79 1.26 5.66 -17.95
N TYR B 80 2.18 6.58 -18.23
CA TYR B 80 3.56 6.23 -18.50
C TYR B 80 4.42 6.65 -17.31
N LEU B 81 5.41 5.83 -16.98
CA LEU B 81 6.48 6.20 -16.06
C LEU B 81 7.79 6.12 -16.83
N GLN B 82 8.34 7.29 -17.18
CA GLN B 82 9.63 7.36 -17.88
C GLN B 82 10.76 7.50 -16.86
N MET B 83 11.62 6.51 -16.81
CA MET B 83 12.72 6.48 -15.84
C MET B 83 14.04 6.71 -16.56
N ASN B 84 14.74 7.78 -16.21
CA ASN B 84 16.09 8.07 -16.71
C ASN B 84 17.10 7.96 -15.58
N SER B 85 18.38 7.88 -15.97
CA SER B 85 19.52 7.85 -15.03
C SER B 85 19.30 6.82 -13.93
N LEU B 86 18.91 5.61 -14.32
CA LEU B 86 18.53 4.58 -13.35
C LEU B 86 19.74 4.11 -12.53
N ARG B 87 19.51 4.00 -11.23
CA ARG B 87 20.54 3.46 -10.32
C ARG B 87 20.07 2.09 -9.84
N ALA B 88 20.90 1.40 -9.07
CA ALA B 88 20.55 0.05 -8.61
C ALA B 88 19.50 0.09 -7.51
N GLU B 89 19.56 1.08 -6.62
CA GLU B 89 18.53 1.32 -5.61
C GLU B 89 17.16 1.55 -6.23
N ASP B 90 17.07 1.65 -7.55
CA ASP B 90 15.80 1.72 -8.25
C ASP B 90 15.27 0.34 -8.63
N THR B 91 16.04 -0.72 -8.38
CA THR B 91 15.55 -2.06 -8.62
C THR B 91 14.40 -2.33 -7.66
N ALA B 92 13.26 -2.74 -8.21
CA ALA B 92 12.02 -2.83 -7.44
C ALA B 92 10.91 -3.37 -8.33
N VAL B 93 9.85 -3.86 -7.68
CA VAL B 93 8.60 -4.09 -8.40
C VAL B 93 7.85 -2.76 -8.41
N TYR B 94 7.38 -2.35 -9.59
CA TYR B 94 6.73 -1.04 -9.71
C TYR B 94 5.24 -1.25 -9.89
N TYR B 95 4.45 -0.60 -9.05
CA TYR B 95 3.02 -0.74 -9.08
C TYR B 95 2.40 0.54 -9.61
N CYS B 96 1.51 0.37 -10.57
CA CYS B 96 0.58 1.41 -10.98
C CYS B 96 -0.62 1.37 -10.02
N ALA B 97 -1.13 2.54 -9.61
CA ALA B 97 -2.26 2.55 -8.68
C ALA B 97 -3.22 3.70 -8.95
N LYS B 98 -4.51 3.38 -8.90
CA LYS B 98 -5.59 4.33 -9.11
C LYS B 98 -6.12 4.83 -7.78
N SER B 99 -6.33 6.13 -7.68
CA SER B 99 -6.85 6.69 -6.44
C SER B 99 -8.37 6.57 -6.35
N GLY B 100 -8.93 7.03 -5.23
CA GLY B 100 -10.34 6.86 -4.96
C GLY B 100 -11.18 8.03 -5.43
N GLU B 101 -12.46 8.00 -5.07
CA GLU B 101 -13.38 9.08 -5.38
C GLU B 101 -12.96 10.35 -4.66
N GLN B 102 -13.34 11.49 -5.24
CA GLN B 102 -13.04 12.80 -4.66
C GLN B 102 -11.53 13.00 -4.48
N GLN B 103 -10.75 12.35 -5.35
CA GLN B 103 -9.31 12.49 -5.38
C GLN B 103 -8.89 12.79 -6.83
N LEU B 104 -9.42 13.90 -7.36
CA LEU B 104 -9.22 14.25 -8.76
C LEU B 104 -7.84 14.79 -9.04
N VAL B 105 -7.21 15.42 -8.07
CA VAL B 105 -6.00 16.19 -8.30
C VAL B 105 -4.81 15.57 -7.57
N GLN B 106 -4.93 15.36 -6.25
CA GLN B 106 -3.92 14.63 -5.48
C GLN B 106 -4.36 13.20 -5.28
N ALA B 107 -3.40 12.27 -5.42
CA ALA B 107 -3.57 10.96 -4.83
C ALA B 107 -3.65 11.09 -3.31
N GLU B 108 -4.70 10.55 -2.72
CA GLU B 108 -4.75 10.39 -1.28
C GLU B 108 -4.44 8.95 -0.89
N TYR B 109 -5.21 8.01 -1.42
CA TYR B 109 -5.11 6.59 -1.09
C TYR B 109 -5.09 5.80 -2.39
N PHE B 110 -4.71 4.52 -2.30
CA PHE B 110 -4.47 3.72 -3.49
C PHE B 110 -5.50 2.61 -3.50
N HIS B 111 -6.61 2.87 -4.21
CA HIS B 111 -7.77 1.98 -4.19
C HIS B 111 -7.66 0.85 -5.20
N HIS B 112 -6.89 1.01 -6.26
CA HIS B 112 -6.70 -0.11 -7.16
C HIS B 112 -5.24 -0.15 -7.60
N TRP B 113 -4.70 -1.35 -7.76
CA TRP B 113 -3.29 -1.54 -8.04
C TRP B 113 -3.11 -2.31 -9.33
N GLY B 114 -2.09 -1.94 -10.09
CA GLY B 114 -1.60 -2.83 -11.13
C GLY B 114 -0.96 -4.07 -10.55
N GLN B 115 -0.62 -5.00 -11.45
CA GLN B 115 -0.06 -6.28 -11.04
C GLN B 115 1.43 -6.23 -10.74
N GLY B 116 2.10 -5.12 -11.01
CA GLY B 116 3.50 -5.02 -10.67
C GLY B 116 4.45 -5.39 -11.79
N THR B 117 5.60 -4.72 -11.85
CA THR B 117 6.55 -4.87 -12.94
C THR B 117 7.95 -4.85 -12.36
N LEU B 118 8.70 -5.93 -12.54
CA LEU B 118 10.07 -5.96 -12.05
C LEU B 118 10.94 -5.08 -12.95
N VAL B 119 11.61 -4.10 -12.34
CA VAL B 119 12.70 -3.38 -12.98
C VAL B 119 13.97 -3.78 -12.25
N THR B 120 14.92 -4.34 -12.99
CA THR B 120 16.18 -4.78 -12.45
C THR B 120 17.28 -3.92 -13.05
N VAL B 121 18.02 -3.20 -12.20
CA VAL B 121 19.07 -2.32 -12.67
C VAL B 121 20.40 -2.91 -12.20
N SER B 122 21.18 -3.42 -13.16
CA SER B 122 22.40 -4.14 -12.85
C SER B 122 23.30 -4.19 -14.09
N SER B 123 24.61 -4.18 -13.84
CA SER B 123 25.58 -4.37 -14.91
C SER B 123 25.89 -5.84 -15.16
N ALA B 124 25.40 -6.74 -14.32
CA ALA B 124 25.71 -8.16 -14.48
C ALA B 124 25.14 -8.70 -15.79
N SER B 125 25.78 -9.75 -16.31
CA SER B 125 25.32 -10.42 -17.51
C SER B 125 24.82 -11.82 -17.19
N THR B 126 23.99 -12.34 -18.08
CA THR B 126 23.26 -13.57 -17.82
C THR B 126 24.23 -14.73 -17.68
N LYS B 127 24.03 -15.54 -16.65
CA LYS B 127 24.95 -16.63 -16.40
C LYS B 127 24.21 -17.78 -15.73
N GLY B 128 24.50 -19.00 -16.18
CA GLY B 128 23.89 -20.16 -15.60
C GLY B 128 24.55 -20.53 -14.28
N PRO B 129 23.79 -21.16 -13.38
CA PRO B 129 24.30 -21.43 -12.04
C PRO B 129 25.32 -22.56 -11.98
N SER B 130 26.27 -22.40 -11.06
CA SER B 130 27.09 -23.51 -10.60
C SER B 130 26.34 -24.20 -9.46
N VAL B 131 26.34 -25.52 -9.48
CA VAL B 131 25.61 -26.31 -8.49
C VAL B 131 26.61 -27.17 -7.74
N PHE B 132 26.55 -27.14 -6.41
CA PHE B 132 27.50 -27.87 -5.59
C PHE B 132 26.76 -28.73 -4.59
N PRO B 133 27.31 -29.92 -4.26
CA PRO B 133 26.61 -30.81 -3.33
C PRO B 133 26.71 -30.31 -1.90
N LEU B 134 25.59 -30.41 -1.19
CA LEU B 134 25.54 -30.25 0.27
C LEU B 134 25.33 -31.65 0.85
N ALA B 135 26.43 -32.41 0.96
CA ALA B 135 26.40 -33.84 1.29
C ALA B 135 26.11 -34.05 2.77
N PRO B 136 25.29 -35.07 3.11
CA PRO B 136 24.94 -35.46 4.48
C PRO B 136 26.06 -36.22 5.18
N THR B 145 17.33 -39.07 11.33
CA THR B 145 17.01 -38.17 10.22
C THR B 145 18.17 -37.25 9.88
N ALA B 146 18.58 -37.24 8.61
CA ALA B 146 19.70 -36.45 8.12
C ALA B 146 19.25 -35.37 7.15
N ALA B 147 20.16 -34.47 6.82
CA ALA B 147 19.91 -33.36 5.93
C ALA B 147 20.97 -33.31 4.85
N LEU B 148 20.55 -32.95 3.65
CA LEU B 148 21.45 -32.76 2.52
C LEU B 148 20.81 -31.70 1.63
N GLY B 149 21.52 -31.30 0.58
CA GLY B 149 20.95 -30.29 -0.28
C GLY B 149 21.82 -29.97 -1.47
N CYS B 150 21.50 -28.84 -2.09
CA CYS B 150 22.15 -28.38 -3.31
C CYS B 150 22.36 -26.87 -3.24
N LEU B 151 23.62 -26.46 -3.31
CA LEU B 151 23.97 -25.04 -3.33
C LEU B 151 23.95 -24.51 -4.76
N VAL B 152 23.07 -23.55 -5.03
CA VAL B 152 22.91 -22.98 -6.37
C VAL B 152 23.55 -21.59 -6.35
N LYS B 153 24.75 -21.48 -6.91
CA LYS B 153 25.59 -20.30 -6.68
C LYS B 153 25.94 -19.57 -7.98
N ASP B 154 25.95 -18.23 -7.92
CA ASP B 154 26.54 -17.41 -8.97
C ASP B 154 25.73 -17.48 -10.26
N TYR B 155 24.50 -17.04 -10.23
CA TYR B 155 23.65 -17.00 -11.40
C TYR B 155 22.97 -15.65 -11.48
N PHE B 156 22.55 -15.28 -12.69
CA PHE B 156 21.87 -14.02 -12.95
C PHE B 156 21.18 -14.16 -14.30
N PRO B 157 19.95 -13.66 -14.46
CA PRO B 157 19.17 -13.09 -13.36
C PRO B 157 18.29 -14.15 -12.74
N GLU B 158 17.47 -13.74 -11.78
CA GLU B 158 16.43 -14.61 -11.25
C GLU B 158 15.39 -14.88 -12.35
N PRO B 159 14.65 -15.99 -12.25
CA PRO B 159 14.73 -16.96 -11.17
C PRO B 159 15.38 -18.26 -11.55
N VAL B 160 15.58 -19.10 -10.53
CA VAL B 160 16.02 -20.49 -10.68
C VAL B 160 14.96 -21.35 -10.03
N THR B 161 14.64 -22.50 -10.63
CA THR B 161 13.65 -23.41 -10.05
C THR B 161 14.31 -24.75 -9.76
N VAL B 162 14.31 -25.13 -8.48
CA VAL B 162 14.89 -26.39 -8.06
C VAL B 162 13.76 -27.38 -7.77
N SER B 163 14.05 -28.65 -8.02
CA SER B 163 13.19 -29.76 -7.64
C SER B 163 14.09 -30.93 -7.34
N TRP B 164 13.58 -31.85 -6.53
CA TRP B 164 14.37 -33.01 -6.10
C TRP B 164 13.77 -34.29 -6.67
N ASN B 165 14.61 -35.11 -7.29
CA ASN B 165 14.17 -36.34 -7.97
C ASN B 165 12.99 -36.05 -8.89
N SER B 166 13.19 -35.10 -9.81
CA SER B 166 12.21 -34.74 -10.83
C SER B 166 10.88 -34.30 -10.24
N GLY B 167 10.89 -33.71 -9.05
CA GLY B 167 9.67 -33.31 -8.39
C GLY B 167 8.93 -34.42 -7.67
N ALA B 168 9.53 -35.62 -7.58
CA ALA B 168 8.89 -36.71 -6.85
C ALA B 168 8.98 -36.50 -5.35
N LEU B 169 10.17 -36.17 -4.86
CA LEU B 169 10.40 -35.88 -3.44
C LEU B 169 10.11 -34.41 -3.19
N THR B 170 8.94 -34.12 -2.62
CA THR B 170 8.58 -32.78 -2.20
C THR B 170 8.35 -32.69 -0.70
N SER B 171 8.40 -33.81 0.03
CA SER B 171 8.20 -33.83 1.47
C SER B 171 9.50 -33.40 2.14
N GLY B 172 9.40 -32.37 2.95
CA GLY B 172 10.49 -31.91 3.76
C GLY B 172 11.59 -31.26 2.94
N VAL B 173 11.22 -30.48 1.94
CA VAL B 173 12.16 -29.77 1.09
C VAL B 173 11.92 -28.28 1.26
N HIS B 174 13.00 -27.56 1.55
CA HIS B 174 12.94 -26.11 1.72
C HIS B 174 13.95 -25.48 0.77
N THR B 175 13.46 -24.74 -0.21
N THR B 175 13.45 -24.72 -0.18
CA THR B 175 14.31 -23.98 -1.11
CA THR B 175 14.30 -23.98 -1.10
C THR B 175 14.23 -22.51 -0.72
C THR B 175 14.23 -22.50 -0.71
N PHE B 176 15.36 -21.96 -0.29
CA PHE B 176 15.40 -20.68 0.41
C PHE B 176 15.30 -19.50 -0.55
N PRO B 177 14.88 -18.34 -0.04
CA PRO B 177 14.99 -17.13 -0.85
C PRO B 177 16.44 -16.94 -1.29
N ALA B 178 16.59 -16.57 -2.56
CA ALA B 178 17.91 -16.28 -3.10
C ALA B 178 18.47 -15.00 -2.47
N VAL B 179 19.80 -14.94 -2.36
CA VAL B 179 20.49 -13.72 -1.95
C VAL B 179 21.36 -13.22 -3.09
N LEU B 180 21.29 -11.92 -3.35
CA LEU B 180 22.17 -11.27 -4.29
C LEU B 180 23.48 -10.90 -3.60
N GLN B 181 24.58 -11.46 -4.08
CA GLN B 181 25.88 -11.31 -3.44
C GLN B 181 26.58 -10.04 -3.94
N SER B 182 27.74 -9.74 -3.33
CA SER B 182 28.47 -8.53 -3.69
C SER B 182 28.95 -8.56 -5.13
N SER B 183 29.12 -9.75 -5.71
CA SER B 183 29.50 -9.86 -7.12
C SER B 183 28.40 -9.43 -8.07
N GLY B 184 27.19 -9.19 -7.58
CA GLY B 184 26.04 -8.97 -8.43
C GLY B 184 25.36 -10.24 -8.92
N LEU B 185 25.80 -11.40 -8.46
CA LEU B 185 25.19 -12.66 -8.82
C LEU B 185 24.35 -13.18 -7.67
N TYR B 186 23.41 -14.05 -7.99
CA TYR B 186 22.52 -14.60 -6.98
C TYR B 186 23.03 -15.94 -6.49
N SER B 187 22.51 -16.34 -5.33
CA SER B 187 22.89 -17.59 -4.70
C SER B 187 21.72 -18.05 -3.86
N LEU B 188 21.52 -19.36 -3.78
CA LEU B 188 20.47 -19.92 -2.95
C LEU B 188 20.80 -21.38 -2.67
N SER B 189 20.07 -21.94 -1.71
CA SER B 189 20.21 -23.34 -1.35
C SER B 189 18.84 -24.01 -1.36
N SER B 190 18.83 -25.29 -1.73
N SER B 190 18.84 -25.29 -1.71
CA SER B 190 17.66 -26.13 -1.62
CA SER B 190 17.66 -26.14 -1.62
C SER B 190 18.04 -27.32 -0.75
C SER B 190 18.02 -27.34 -0.76
N VAL B 191 17.32 -27.50 0.35
CA VAL B 191 17.65 -28.53 1.33
C VAL B 191 16.56 -29.59 1.35
N VAL B 192 16.96 -30.79 1.77
CA VAL B 192 16.03 -31.88 2.05
C VAL B 192 16.53 -32.63 3.27
N THR B 193 15.69 -32.72 4.30
CA THR B 193 15.94 -33.62 5.41
C THR B 193 15.22 -34.93 5.09
N VAL B 194 15.98 -36.00 5.00
CA VAL B 194 15.35 -37.27 4.69
C VAL B 194 15.56 -38.21 5.87
N PRO B 195 14.58 -39.04 6.18
CA PRO B 195 14.82 -40.13 7.13
C PRO B 195 16.08 -40.86 6.71
N SER B 196 17.00 -41.05 7.66
CA SER B 196 18.26 -41.70 7.36
C SER B 196 18.01 -43.15 6.95
N SER B 197 18.99 -44.04 7.15
CA SER B 197 18.91 -45.41 6.63
C SER B 197 18.82 -45.40 5.11
N SER B 198 17.98 -44.51 4.55
CA SER B 198 17.99 -44.21 3.12
C SER B 198 19.26 -43.50 2.69
N LEU B 199 20.02 -42.92 3.63
CA LEU B 199 21.31 -42.33 3.30
C LEU B 199 22.20 -43.32 2.55
N GLY B 200 22.06 -44.60 2.87
CA GLY B 200 22.72 -45.66 2.15
C GLY B 200 21.88 -46.39 1.13
N THR B 201 20.60 -46.03 0.95
CA THR B 201 19.83 -46.81 -0.01
C THR B 201 19.21 -45.95 -1.09
N GLN B 202 18.52 -44.88 -0.70
CA GLN B 202 17.93 -44.00 -1.71
C GLN B 202 19.02 -43.16 -2.37
N THR B 203 18.71 -42.69 -3.58
CA THR B 203 19.64 -41.91 -4.39
C THR B 203 19.01 -40.57 -4.70
N TYR B 204 19.63 -39.50 -4.24
CA TYR B 204 19.02 -38.17 -4.27
C TYR B 204 19.67 -37.31 -5.35
N ILE B 205 18.85 -36.84 -6.27
CA ILE B 205 19.28 -35.97 -7.36
C ILE B 205 18.48 -34.69 -7.24
N CYS B 206 19.16 -33.55 -7.31
CA CYS B 206 18.50 -32.26 -7.36
C CYS B 206 18.54 -31.72 -8.79
N ASN B 207 17.54 -30.90 -9.13
CA ASN B 207 17.23 -30.53 -10.52
C ASN B 207 17.09 -29.02 -10.63
N VAL B 208 18.14 -28.36 -11.11
CA VAL B 208 18.22 -26.90 -11.19
C VAL B 208 17.93 -26.46 -12.62
N ASN B 209 17.03 -25.48 -12.78
CA ASN B 209 16.73 -24.95 -14.10
C ASN B 209 16.79 -23.42 -14.08
N HIS B 210 17.53 -22.86 -15.04
CA HIS B 210 17.67 -21.42 -15.23
C HIS B 210 17.32 -21.09 -16.67
N LYS B 211 16.08 -20.65 -16.90
CA LYS B 211 15.58 -20.37 -18.25
C LYS B 211 16.30 -19.21 -18.95
N PRO B 212 16.54 -18.05 -18.29
CA PRO B 212 17.21 -16.96 -19.01
C PRO B 212 18.53 -17.36 -19.67
N SER B 213 19.22 -18.38 -19.15
CA SER B 213 20.43 -18.89 -19.77
C SER B 213 20.23 -20.27 -20.38
N ASN B 214 19.01 -20.83 -20.34
CA ASN B 214 18.71 -22.14 -20.90
C ASN B 214 19.69 -23.20 -20.40
N THR B 215 19.91 -23.18 -19.09
CA THR B 215 20.80 -24.13 -18.45
C THR B 215 19.96 -25.05 -17.57
N LYS B 216 20.24 -26.34 -17.66
CA LYS B 216 19.59 -27.36 -16.85
C LYS B 216 20.69 -28.22 -16.25
N VAL B 217 20.85 -28.17 -14.94
CA VAL B 217 21.90 -28.90 -14.23
C VAL B 217 21.27 -29.78 -13.17
N ASP B 218 21.57 -31.08 -13.25
CA ASP B 218 21.13 -32.07 -12.28
C ASP B 218 22.36 -32.63 -11.56
N LYS B 219 22.44 -32.45 -10.25
CA LYS B 219 23.62 -32.88 -9.48
C LYS B 219 23.24 -33.93 -8.44
N LYS B 220 24.05 -34.98 -8.34
CA LYS B 220 23.77 -36.10 -7.47
C LYS B 220 24.43 -35.90 -6.12
N VAL B 221 23.62 -35.85 -5.06
CA VAL B 221 24.10 -35.72 -3.69
C VAL B 221 24.19 -37.12 -3.08
N GLU B 222 25.34 -37.46 -2.53
CA GLU B 222 25.58 -38.78 -1.97
C GLU B 222 26.53 -38.64 -0.78
N PRO B 223 26.54 -39.63 0.13
CA PRO B 223 27.48 -39.67 1.27
C PRO B 223 28.95 -39.67 0.85
N ASN C 2 -38.75 6.01 14.05
CA ASN C 2 -37.56 6.11 13.21
C ASN C 2 -36.96 7.50 13.32
N LEU C 3 -35.72 7.59 13.79
CA LEU C 3 -35.07 8.89 13.92
C LEU C 3 -34.35 9.21 12.61
N CYS C 4 -34.56 10.43 12.12
CA CYS C 4 -33.94 10.86 10.88
C CYS C 4 -32.42 10.78 10.98
N PRO C 5 -31.75 10.26 9.96
CA PRO C 5 -30.29 10.06 10.04
C PRO C 5 -29.48 11.29 9.66
N PHE C 6 -29.70 12.40 10.37
CA PHE C 6 -28.87 13.58 10.10
C PHE C 6 -27.42 13.36 10.55
N GLY C 7 -27.16 12.45 11.48
CA GLY C 7 -25.79 12.16 11.82
C GLY C 7 -24.97 11.77 10.60
N GLU C 8 -25.57 10.97 9.71
CA GLU C 8 -24.85 10.55 8.52
C GLU C 8 -24.53 11.74 7.63
N VAL C 9 -25.45 12.70 7.55
CA VAL C 9 -25.21 13.92 6.79
C VAL C 9 -24.14 14.76 7.46
N PHE C 10 -24.41 15.24 8.67
CA PHE C 10 -23.57 16.27 9.30
C PHE C 10 -22.20 15.75 9.67
N ASN C 11 -22.09 14.45 9.91
CA ASN C 11 -20.87 13.88 10.48
C ASN C 11 -20.14 12.96 9.50
N ALA C 12 -20.57 12.92 8.24
CA ALA C 12 -19.86 12.17 7.21
C ALA C 12 -18.37 12.46 7.29
N THR C 13 -17.55 11.41 7.21
CA THR C 13 -16.11 11.63 7.29
C THR C 13 -15.64 12.55 6.16
N ARG C 14 -16.11 12.30 4.93
CA ARG C 14 -15.80 13.06 3.72
C ARG C 14 -17.02 13.85 3.26
N PHE C 15 -16.75 14.99 2.61
CA PHE C 15 -17.79 15.85 2.08
C PHE C 15 -17.57 16.05 0.60
N ALA C 16 -18.64 16.33 -0.14
CA ALA C 16 -18.50 16.53 -1.58
C ALA C 16 -17.75 17.82 -1.88
N SER C 17 -17.12 17.88 -3.05
CA SER C 17 -16.77 19.17 -3.61
C SER C 17 -18.04 19.93 -3.97
N VAL C 18 -18.02 21.26 -3.77
CA VAL C 18 -19.23 22.04 -4.05
C VAL C 18 -19.65 21.91 -5.50
N TYR C 19 -18.69 21.82 -6.42
CA TYR C 19 -19.09 21.65 -7.82
C TYR C 19 -19.87 20.36 -8.01
N ALA C 20 -19.61 19.36 -7.18
CA ALA C 20 -20.28 18.06 -7.25
C ALA C 20 -21.09 17.87 -5.98
N TRP C 21 -21.80 18.93 -5.56
CA TRP C 21 -22.47 18.93 -4.27
C TRP C 21 -23.38 17.71 -4.12
N ASN C 22 -23.33 17.08 -2.96
CA ASN C 22 -24.16 15.91 -2.68
C ASN C 22 -25.56 16.30 -2.22
N ARG C 23 -26.53 15.43 -2.51
CA ARG C 23 -27.89 15.55 -2.01
C ARG C 23 -28.32 14.22 -1.40
N LYS C 24 -28.88 14.27 -0.19
CA LYS C 24 -29.47 13.12 0.46
C LYS C 24 -30.94 13.43 0.74
N ARG C 25 -31.81 12.50 0.38
CA ARG C 25 -33.23 12.63 0.66
C ARG C 25 -33.52 11.97 2.00
N ILE C 26 -34.07 12.75 2.95
CA ILE C 26 -34.47 12.27 4.26
C ILE C 26 -35.97 12.04 4.22
N SER C 27 -36.43 10.88 4.71
CA SER C 27 -37.85 10.58 4.66
C SER C 27 -38.22 9.56 5.72
N ASN C 28 -39.52 9.52 6.02
CA ASN C 28 -40.12 8.49 6.87
C ASN C 28 -39.39 8.40 8.21
N CYS C 29 -39.36 9.54 8.91
CA CYS C 29 -38.60 9.61 10.14
C CYS C 29 -39.03 10.84 10.93
N VAL C 30 -38.63 10.87 12.20
CA VAL C 30 -38.85 12.02 13.07
C VAL C 30 -37.49 12.63 13.42
N ALA C 31 -37.43 13.96 13.38
CA ALA C 31 -36.21 14.68 13.71
C ALA C 31 -36.53 15.83 14.66
N ASP C 32 -35.65 16.07 15.61
CA ASP C 32 -35.78 17.25 16.47
C ASP C 32 -34.84 18.31 15.92
N TYR C 33 -35.40 19.40 15.42
CA TYR C 33 -34.55 20.40 14.81
C TYR C 33 -33.94 21.33 15.85
N SER C 34 -34.61 21.53 16.99
CA SER C 34 -33.96 22.24 18.10
C SER C 34 -32.71 21.51 18.55
N VAL C 35 -32.82 20.20 18.79
CA VAL C 35 -31.65 19.40 19.10
C VAL C 35 -30.61 19.56 18.02
N LEU C 36 -31.03 19.51 16.75
CA LEU C 36 -30.08 19.70 15.64
C LEU C 36 -29.41 21.06 15.73
N TYR C 37 -30.17 22.11 16.01
CA TYR C 37 -29.58 23.44 16.12
C TYR C 37 -28.48 23.48 17.18
N ASN C 38 -28.64 22.71 18.25
CA ASN C 38 -27.68 22.70 19.36
C ASN C 38 -26.80 21.46 19.37
N SER C 39 -26.88 20.64 18.32
CA SER C 39 -26.07 19.43 18.24
C SER C 39 -24.59 19.75 18.13
N ALA C 40 -24.25 20.91 17.58
CA ALA C 40 -22.86 21.29 17.42
C ALA C 40 -22.76 22.80 17.38
N SER C 41 -21.52 23.27 17.31
CA SER C 41 -21.23 24.69 17.17
C SER C 41 -21.24 24.98 15.68
N PHE C 42 -22.26 25.71 15.23
CA PHE C 42 -22.39 26.08 13.82
C PHE C 42 -22.00 27.54 13.67
N SER C 43 -21.06 27.79 12.75
CA SER C 43 -20.69 29.18 12.50
C SER C 43 -21.82 29.94 11.83
N THR C 44 -22.64 29.29 10.99
CA THR C 44 -23.89 29.94 10.58
C THR C 44 -25.01 28.91 10.58
N PHE C 45 -26.24 29.41 10.74
CA PHE C 45 -27.42 28.55 10.80
C PHE C 45 -28.59 29.49 10.51
N LYS C 46 -28.84 29.71 9.22
CA LYS C 46 -29.77 30.73 8.76
C LYS C 46 -30.94 30.05 8.07
N CYS C 47 -32.15 30.34 8.52
CA CYS C 47 -33.34 29.72 7.94
C CYS C 47 -34.16 30.76 7.19
N TYR C 48 -34.88 30.29 6.18
CA TYR C 48 -35.74 31.09 5.31
C TYR C 48 -37.10 30.43 5.29
N GLY C 49 -38.14 31.14 5.69
CA GLY C 49 -39.46 30.56 5.68
C GLY C 49 -39.74 29.58 6.79
N VAL C 50 -38.75 29.25 7.61
CA VAL C 50 -38.92 28.26 8.66
C VAL C 50 -38.00 28.65 9.82
N SER C 51 -38.07 27.89 10.91
CA SER C 51 -37.09 28.02 11.98
C SER C 51 -37.07 26.70 12.72
N PRO C 52 -35.97 26.38 13.38
CA PRO C 52 -35.91 25.08 14.11
C PRO C 52 -37.12 24.85 14.98
N THR C 53 -37.41 25.78 15.90
CA THR C 53 -38.50 25.56 16.84
C THR C 53 -39.81 25.30 16.10
N LYS C 54 -40.05 25.99 14.99
CA LYS C 54 -41.30 25.78 14.27
C LYS C 54 -41.26 24.53 13.39
N LEU C 55 -40.08 24.15 12.89
CA LEU C 55 -39.98 22.86 12.21
C LEU C 55 -40.41 21.73 13.14
N ASN C 56 -40.16 21.87 14.45
CA ASN C 56 -40.49 20.79 15.38
C ASN C 56 -41.99 20.52 15.47
N ASP C 57 -42.82 21.42 14.92
CA ASP C 57 -44.27 21.24 14.93
C ASP C 57 -44.87 20.97 13.55
N LEU C 58 -44.05 20.78 12.52
CA LEU C 58 -44.55 20.57 11.16
C LEU C 58 -44.17 19.19 10.65
N CYS C 59 -44.95 18.68 9.70
CA CYS C 59 -44.59 17.51 8.91
C CYS C 59 -44.37 17.95 7.47
N PHE C 60 -43.40 17.34 6.80
CA PHE C 60 -43.12 17.59 5.41
C PHE C 60 -43.08 16.26 4.65
N THR C 61 -43.22 16.35 3.33
CA THR C 61 -43.17 15.15 2.51
C THR C 61 -41.72 14.69 2.36
N ASN C 62 -40.84 15.63 2.01
CA ASN C 62 -39.43 15.36 1.85
C ASN C 62 -38.62 16.47 2.48
N VAL C 63 -37.46 16.10 2.98
CA VAL C 63 -36.39 16.99 3.36
C VAL C 63 -35.16 16.56 2.57
N TYR C 64 -34.56 17.48 1.84
CA TYR C 64 -33.29 17.25 1.14
C TYR C 64 -32.17 17.91 1.91
N ALA C 65 -31.08 17.17 2.11
CA ALA C 65 -29.89 17.72 2.73
C ALA C 65 -28.78 17.66 1.69
N ASP C 66 -28.46 18.83 1.14
CA ASP C 66 -27.33 19.04 0.27
C ASP C 66 -26.13 19.39 1.12
N SER C 67 -24.95 18.91 0.72
CA SER C 67 -23.76 19.17 1.52
C SER C 67 -22.55 19.23 0.61
N PHE C 68 -21.56 20.01 1.07
CA PHE C 68 -20.33 20.28 0.32
C PHE C 68 -19.38 21.14 1.16
N VAL C 69 -18.19 21.40 0.61
CA VAL C 69 -17.17 22.25 1.23
C VAL C 69 -16.93 23.46 0.33
N ILE C 70 -16.89 24.65 0.94
CA ILE C 70 -16.50 25.90 0.29
C ILE C 70 -15.56 26.63 1.26
N ARG C 71 -14.99 27.76 0.86
CA ARG C 71 -14.21 28.48 1.88
C ARG C 71 -15.08 29.45 2.69
N GLY C 72 -14.55 29.86 3.84
CA GLY C 72 -15.31 30.68 4.79
C GLY C 72 -15.99 31.90 4.17
N ASP C 73 -15.27 32.66 3.36
CA ASP C 73 -15.86 33.90 2.89
C ASP C 73 -16.88 33.68 1.77
N GLU C 74 -17.17 32.42 1.42
CA GLU C 74 -18.18 32.12 0.43
C GLU C 74 -19.48 31.55 1.02
N VAL C 75 -19.51 31.24 2.32
CA VAL C 75 -20.75 30.74 2.92
C VAL C 75 -21.91 31.68 2.57
N ARG C 76 -21.63 32.99 2.57
N ARG C 76 -21.63 32.99 2.56
CA ARG C 76 -22.66 33.98 2.27
CA ARG C 76 -22.65 34.00 2.27
C ARG C 76 -23.21 33.89 0.85
C ARG C 76 -23.20 33.90 0.85
N GLN C 77 -22.51 33.24 -0.06
CA GLN C 77 -23.12 32.97 -1.38
C GLN C 77 -24.19 31.88 -1.33
N ILE C 78 -24.28 31.14 -0.24
CA ILE C 78 -25.28 30.06 -0.10
C ILE C 78 -26.52 30.70 0.52
N ALA C 79 -27.29 31.38 -0.33
CA ALA C 79 -28.46 32.14 0.11
C ALA C 79 -29.27 32.44 -1.13
N PRO C 80 -30.58 32.65 -0.99
CA PRO C 80 -31.35 33.10 -2.14
C PRO C 80 -30.79 34.39 -2.71
N GLY C 81 -30.86 34.52 -4.03
CA GLY C 81 -30.48 35.75 -4.71
C GLY C 81 -29.04 36.19 -4.58
N GLN C 82 -28.09 35.27 -4.48
CA GLN C 82 -26.68 35.67 -4.44
C GLN C 82 -26.05 35.53 -5.84
N THR C 83 -24.87 36.13 -6.00
CA THR C 83 -24.02 35.98 -7.16
C THR C 83 -22.57 35.77 -6.72
N GLY C 84 -21.71 35.46 -7.68
CA GLY C 84 -20.36 35.02 -7.42
C GLY C 84 -20.14 33.60 -7.96
N LYS C 85 -18.89 33.17 -7.87
CA LYS C 85 -18.43 31.95 -8.52
C LYS C 85 -19.23 30.74 -8.05
N ILE C 86 -19.45 30.67 -6.74
CA ILE C 86 -20.17 29.54 -6.16
C ILE C 86 -21.64 29.57 -6.56
N ALA C 87 -22.30 30.71 -6.34
CA ALA C 87 -23.72 30.81 -6.66
C ALA C 87 -23.96 30.68 -8.16
N ASP C 88 -23.06 31.27 -8.98
CA ASP C 88 -23.24 31.26 -10.43
C ASP C 88 -22.97 29.87 -11.05
N TYR C 89 -21.95 29.17 -10.54
CA TYR C 89 -21.34 28.08 -11.28
C TYR C 89 -21.30 26.76 -10.53
N ASN C 90 -21.72 26.73 -9.25
CA ASN C 90 -21.54 25.54 -8.44
C ASN C 90 -22.80 25.11 -7.70
N TYR C 91 -23.41 26.02 -6.94
CA TYR C 91 -24.58 25.65 -6.14
C TYR C 91 -25.51 26.84 -6.03
N LYS C 92 -26.71 26.69 -6.55
CA LYS C 92 -27.63 27.81 -6.75
C LYS C 92 -28.91 27.54 -5.97
N LEU C 93 -29.23 28.46 -4.95
CA LEU C 93 -30.54 28.37 -4.31
C LEU C 93 -31.53 29.22 -5.07
N PRO C 94 -32.80 28.80 -5.11
CA PRO C 94 -33.81 29.62 -5.76
C PRO C 94 -34.19 30.79 -4.88
N ASP C 95 -34.73 31.83 -5.51
CA ASP C 95 -35.22 32.99 -4.75
C ASP C 95 -36.19 32.60 -3.63
N ASP C 96 -37.08 31.62 -3.88
CA ASP C 96 -38.14 31.28 -2.94
C ASP C 96 -37.77 30.12 -2.02
N PHE C 97 -36.48 29.96 -1.75
CA PHE C 97 -35.96 28.89 -0.92
C PHE C 97 -36.70 28.75 0.39
N THR C 98 -37.04 27.50 0.76
CA THR C 98 -37.60 27.19 2.07
C THR C 98 -36.69 26.17 2.76
N GLY C 99 -35.91 26.64 3.72
CA GLY C 99 -35.06 25.75 4.46
C GLY C 99 -33.99 26.54 5.20
N CYS C 100 -32.95 25.81 5.56
CA CYS C 100 -31.89 26.32 6.42
C CYS C 100 -30.54 26.06 5.76
N VAL C 101 -29.66 27.03 5.93
CA VAL C 101 -28.27 26.93 5.53
C VAL C 101 -27.45 26.84 6.79
N ILE C 102 -26.54 25.86 6.83
CA ILE C 102 -25.85 25.51 8.06
C ILE C 102 -24.40 25.27 7.70
N ALA C 103 -23.48 25.94 8.39
CA ALA C 103 -22.06 25.79 8.06
C ALA C 103 -21.25 25.76 9.34
N TRP C 104 -20.04 25.19 9.24
CA TRP C 104 -19.09 25.23 10.34
C TRP C 104 -17.68 25.01 9.82
N ASN C 105 -16.71 25.54 10.57
CA ASN C 105 -15.32 25.47 10.16
C ASN C 105 -14.81 24.03 10.21
N SER C 106 -14.25 23.56 9.11
CA SER C 106 -13.73 22.19 9.03
C SER C 106 -12.24 22.16 8.73
N ASN C 107 -11.51 23.19 9.18
CA ASN C 107 -10.05 23.27 8.98
C ASN C 107 -9.33 22.01 9.45
N ASN C 108 -9.71 21.48 10.62
CA ASN C 108 -9.07 20.29 11.17
C ASN C 108 -9.32 19.03 10.36
N LEU C 109 -10.40 19.01 9.59
CA LEU C 109 -10.82 17.81 8.86
C LEU C 109 -10.44 17.85 7.38
N ASP C 110 -10.39 19.03 6.75
CA ASP C 110 -10.32 19.15 5.31
C ASP C 110 -9.05 19.84 4.79
N SER C 111 -8.24 20.45 5.65
CA SER C 111 -6.94 20.98 5.25
C SER C 111 -5.86 19.90 5.31
N LYS C 112 -4.75 20.17 4.61
CA LYS C 112 -3.53 19.37 4.73
C LYS C 112 -2.34 20.31 4.89
N VAL C 113 -1.40 19.95 5.78
CA VAL C 113 -0.11 20.64 5.79
C VAL C 113 0.53 20.33 4.45
N GLY C 114 0.55 21.29 3.55
CA GLY C 114 0.95 21.02 2.19
C GLY C 114 -0.16 21.19 1.19
N GLY C 115 -1.39 21.39 1.65
CA GLY C 115 -2.46 21.84 0.80
C GLY C 115 -3.36 20.74 0.33
N ASN C 116 -4.65 20.98 0.33
CA ASN C 116 -5.61 19.98 -0.12
C ASN C 116 -6.26 20.53 -1.39
N TYR C 117 -5.91 19.92 -2.52
CA TYR C 117 -6.36 20.38 -3.83
C TYR C 117 -7.51 19.55 -4.37
N ASN C 118 -7.98 18.56 -3.60
CA ASN C 118 -9.09 17.71 -4.00
C ASN C 118 -10.45 18.29 -3.67
N TYR C 119 -10.51 19.45 -3.01
CA TYR C 119 -11.77 20.19 -2.93
C TYR C 119 -11.73 21.29 -4.01
N LEU C 120 -12.67 21.26 -4.93
CA LEU C 120 -12.62 22.16 -6.08
C LEU C 120 -13.93 22.92 -6.25
N TYR C 121 -13.87 23.98 -7.05
CA TYR C 121 -15.07 24.69 -7.46
C TYR C 121 -14.92 25.09 -8.91
N ARG C 122 -16.05 25.22 -9.60
CA ARG C 122 -16.00 25.57 -11.02
C ARG C 122 -15.83 27.09 -11.13
N LEU C 123 -14.90 27.49 -11.98
CA LEU C 123 -14.46 28.87 -12.11
C LEU C 123 -15.18 29.62 -13.21
N PHE C 124 -15.68 28.91 -14.23
CA PHE C 124 -16.41 29.57 -15.30
C PHE C 124 -17.38 28.55 -15.86
N ARG C 125 -18.35 29.06 -16.61
CA ARG C 125 -19.37 28.21 -17.21
C ARG C 125 -20.07 29.09 -18.23
N LYS C 126 -20.50 28.48 -19.34
CA LYS C 126 -21.13 29.27 -20.40
C LYS C 126 -22.32 30.07 -19.87
N SER C 127 -23.00 29.55 -18.85
CA SER C 127 -24.15 30.23 -18.31
C SER C 127 -24.28 29.84 -16.85
N ASN C 128 -25.02 30.65 -16.11
CA ASN C 128 -25.19 30.40 -14.68
C ASN C 128 -26.01 29.13 -14.44
N LEU C 129 -25.70 28.41 -13.37
CA LEU C 129 -26.61 27.36 -12.89
C LEU C 129 -28.03 27.88 -12.63
N LYS C 130 -29.03 27.13 -13.07
CA LYS C 130 -30.38 27.26 -12.55
C LYS C 130 -30.42 26.71 -11.12
N PRO C 131 -31.48 26.98 -10.36
CA PRO C 131 -31.52 26.53 -8.97
C PRO C 131 -31.47 25.02 -8.87
N PHE C 132 -30.62 24.52 -7.99
CA PHE C 132 -30.44 23.09 -7.78
C PHE C 132 -29.94 22.35 -9.05
N GLU C 133 -29.54 23.07 -10.10
CA GLU C 133 -28.86 22.39 -11.21
C GLU C 133 -27.45 22.03 -10.78
N ARG C 134 -26.86 21.06 -11.46
CA ARG C 134 -25.51 20.62 -11.12
C ARG C 134 -24.65 20.64 -12.38
N ASP C 135 -23.33 20.77 -12.24
CA ASP C 135 -22.48 20.60 -13.43
C ASP C 135 -21.23 19.87 -12.98
N ILE C 136 -21.11 18.58 -13.33
CA ILE C 136 -19.99 17.78 -12.86
C ILE C 136 -18.93 17.56 -13.93
N SER C 137 -19.06 18.21 -15.09
CA SER C 137 -18.09 17.94 -16.14
C SER C 137 -16.70 18.34 -15.67
N THR C 138 -15.74 17.43 -15.87
CA THR C 138 -14.33 17.72 -15.72
C THR C 138 -13.65 17.91 -17.07
N GLU C 139 -14.42 18.18 -18.12
CA GLU C 139 -13.83 18.26 -19.44
C GLU C 139 -13.02 19.55 -19.60
N ILE C 140 -11.81 19.42 -20.17
CA ILE C 140 -10.98 20.56 -20.52
C ILE C 140 -11.68 21.39 -21.57
N TYR C 141 -11.57 22.71 -21.44
CA TYR C 141 -12.15 23.64 -22.39
C TYR C 141 -11.08 24.07 -23.37
N GLN C 142 -11.32 23.79 -24.64
CA GLN C 142 -10.38 24.16 -25.68
C GLN C 142 -10.65 25.59 -26.11
N ALA C 143 -9.69 26.50 -25.87
CA ALA C 143 -9.86 27.91 -26.23
C ALA C 143 -9.23 28.26 -27.59
N GLY C 144 -8.53 27.33 -28.23
CA GLY C 144 -7.91 27.59 -29.53
C GLY C 144 -8.02 26.41 -30.45
N SER C 145 -7.18 26.30 -31.48
CA SER C 145 -7.34 25.16 -32.36
C SER C 145 -6.50 23.97 -31.93
N THR C 146 -5.51 24.19 -31.09
CA THR C 146 -4.68 23.10 -30.59
C THR C 146 -5.54 22.14 -29.78
N PRO C 147 -5.68 20.88 -30.20
CA PRO C 147 -6.43 19.92 -29.39
C PRO C 147 -5.80 19.74 -28.01
N CYS C 148 -6.65 19.57 -27.00
CA CYS C 148 -6.17 19.39 -25.63
C CYS C 148 -5.96 17.92 -25.26
N ASN C 149 -6.64 17.00 -25.96
CA ASN C 149 -6.55 15.57 -25.68
C ASN C 149 -6.67 15.28 -24.19
N GLY C 150 -7.40 16.12 -23.47
CA GLY C 150 -7.56 15.94 -22.04
C GLY C 150 -6.44 16.43 -21.16
N VAL C 151 -5.56 17.32 -21.65
CA VAL C 151 -4.44 17.83 -20.85
C VAL C 151 -4.56 19.34 -20.76
N GLU C 152 -4.39 19.87 -19.54
CA GLU C 152 -4.28 21.32 -19.36
C GLU C 152 -3.08 21.86 -20.13
N GLY C 153 -3.12 23.15 -20.41
CA GLY C 153 -2.00 23.81 -21.06
C GLY C 153 -2.48 25.08 -21.72
N PHE C 154 -1.60 25.66 -22.51
CA PHE C 154 -1.94 26.88 -23.24
C PHE C 154 -3.19 26.65 -24.08
N ASN C 155 -4.15 27.57 -23.97
CA ASN C 155 -5.46 27.52 -24.61
C ASN C 155 -6.30 26.32 -24.17
N CYS C 156 -5.91 25.64 -23.10
CA CYS C 156 -6.57 24.43 -22.61
C CYS C 156 -6.86 24.60 -21.12
N TYR C 157 -8.05 25.08 -20.78
CA TYR C 157 -8.38 25.48 -19.41
C TYR C 157 -9.19 24.40 -18.71
N PHE C 158 -8.64 23.89 -17.62
CA PHE C 158 -9.39 23.04 -16.71
C PHE C 158 -10.43 23.92 -16.01
N PRO C 159 -11.73 23.63 -16.09
CA PRO C 159 -12.73 24.54 -15.54
C PRO C 159 -12.89 24.48 -14.04
N LEU C 160 -12.24 23.56 -13.37
CA LEU C 160 -12.32 23.43 -11.93
C LEU C 160 -11.05 24.01 -11.31
N GLN C 161 -11.22 24.88 -10.32
CA GLN C 161 -10.10 25.36 -9.55
C GLN C 161 -10.03 24.63 -8.22
N SER C 162 -8.81 24.20 -7.86
CA SER C 162 -8.56 23.64 -6.52
C SER C 162 -8.52 24.76 -5.49
N TYR C 163 -9.21 24.55 -4.36
CA TYR C 163 -9.10 25.46 -3.23
C TYR C 163 -7.71 25.42 -2.60
N GLY C 164 -7.10 24.24 -2.49
CA GLY C 164 -5.84 24.18 -1.78
C GLY C 164 -5.88 24.64 -0.33
N PHE C 165 -6.52 23.86 0.55
CA PHE C 165 -6.73 24.25 1.95
C PHE C 165 -5.51 23.87 2.79
N GLN C 166 -4.96 24.83 3.49
CA GLN C 166 -3.88 24.60 4.43
C GLN C 166 -4.29 25.12 5.79
N PRO C 167 -3.88 24.47 6.88
CA PRO C 167 -4.26 24.94 8.24
C PRO C 167 -3.83 26.35 8.54
N THR C 168 -2.78 26.84 7.88
CA THR C 168 -2.28 28.18 8.15
C THR C 168 -3.17 29.27 7.58
N ASN C 169 -4.12 28.95 6.70
CA ASN C 169 -4.93 29.97 6.04
C ASN C 169 -5.69 30.80 7.07
N GLY C 170 -5.86 32.09 6.75
CA GLY C 170 -6.80 32.93 7.46
C GLY C 170 -8.18 32.30 7.50
N VAL C 171 -9.03 32.79 8.41
CA VAL C 171 -10.32 32.15 8.65
C VAL C 171 -11.16 32.11 7.38
N GLY C 172 -11.19 33.21 6.63
CA GLY C 172 -12.03 33.29 5.44
C GLY C 172 -11.63 32.30 4.35
N TYR C 173 -10.39 31.81 4.35
CA TYR C 173 -9.93 30.84 3.37
C TYR C 173 -9.86 29.42 3.94
N GLN C 174 -10.22 29.24 5.19
CA GLN C 174 -10.26 27.88 5.67
C GLN C 174 -11.51 27.19 5.11
N PRO C 175 -11.50 25.87 5.01
CA PRO C 175 -12.69 25.18 4.50
C PRO C 175 -13.81 25.18 5.52
N TYR C 176 -15.05 25.27 5.02
CA TYR C 176 -16.27 25.16 5.81
C TYR C 176 -17.14 24.06 5.23
N ARG C 177 -17.66 23.19 6.10
CA ARG C 177 -18.65 22.23 5.63
C ARG C 177 -20.02 22.90 5.71
N VAL C 178 -20.85 22.64 4.72
CA VAL C 178 -22.15 23.27 4.60
C VAL C 178 -23.19 22.17 4.43
N VAL C 179 -24.32 22.33 5.11
CA VAL C 179 -25.50 21.51 4.87
C VAL C 179 -26.69 22.42 4.64
N VAL C 180 -27.36 22.24 3.52
CA VAL C 180 -28.56 22.97 3.17
C VAL C 180 -29.74 22.04 3.30
N LEU C 181 -30.63 22.32 4.25
CA LEU C 181 -31.88 21.59 4.42
C LEU C 181 -32.96 22.29 3.65
N SER C 182 -33.63 21.58 2.76
CA SER C 182 -34.80 22.16 2.12
C SER C 182 -36.01 21.29 2.39
N PHE C 183 -37.19 21.91 2.43
CA PHE C 183 -38.39 21.27 2.93
C PHE C 183 -39.51 21.32 1.89
N GLU C 184 -40.12 20.19 1.64
CA GLU C 184 -41.04 20.05 0.52
C GLU C 184 -42.34 19.44 1.00
N LEU C 185 -43.46 19.99 0.54
CA LEU C 185 -44.78 19.41 0.81
C LEU C 185 -45.43 19.08 -0.53
N LEU C 186 -45.64 17.81 -0.79
CA LEU C 186 -46.34 17.38 -1.99
C LEU C 186 -47.48 16.45 -1.60
N HIS C 187 -48.33 16.14 -2.57
CA HIS C 187 -49.33 15.11 -2.36
C HIS C 187 -48.65 13.76 -2.53
N ALA C 188 -47.98 13.33 -1.46
CA ALA C 188 -47.20 12.09 -1.53
C ALA C 188 -47.24 11.41 -0.16
N PRO C 189 -46.88 10.11 -0.10
CA PRO C 189 -47.08 9.36 1.14
C PRO C 189 -45.97 9.48 2.18
N ALA C 190 -44.74 9.78 1.77
CA ALA C 190 -43.67 9.96 2.75
C ALA C 190 -44.01 11.09 3.70
N THR C 191 -43.45 11.02 4.91
CA THR C 191 -43.53 12.13 5.85
C THR C 191 -42.26 12.19 6.69
N VAL C 192 -41.72 13.40 6.83
CA VAL C 192 -40.61 13.72 7.70
C VAL C 192 -41.13 14.77 8.66
N CYS C 193 -41.22 14.43 9.94
CA CYS C 193 -41.92 15.26 10.91
C CYS C 193 -40.99 15.67 12.05
N GLY C 194 -41.22 16.87 12.60
CA GLY C 194 -40.68 17.23 13.88
C GLY C 194 -41.37 16.45 14.98
N PRO C 195 -40.79 16.47 16.20
CA PRO C 195 -41.31 15.62 17.29
C PRO C 195 -42.77 15.85 17.63
N LYS C 196 -43.33 17.02 17.35
CA LYS C 196 -44.71 17.31 17.72
C LYS C 196 -45.58 17.60 16.49
N GLY C 197 -45.25 16.96 15.37
CA GLY C 197 -46.04 17.09 14.15
C GLY C 197 -46.85 15.86 13.84
#